data_5EN4
#
_entry.id   5EN4
#
_cell.length_a   91.724
_cell.length_b   91.724
_cell.length_c   135.022
_cell.angle_alpha   90.00
_cell.angle_beta   90.00
_cell.angle_gamma   90.00
#
_symmetry.space_group_name_H-M   'I 4 2 2'
#
loop_
_entity.id
_entity.type
_entity.pdbx_description
1 polymer '17-beta-hydroxysteroid dehydrogenase 14'
2 non-polymer NICOTINAMIDE-ADENINE-DINUCLEOTIDE
3 non-polymer [2,3-bis(oxidanyl)phenyl]-[6-(2-fluoranyl-3-oxidanyl-phenyl)pyridin-2-yl]methanone
4 non-polymer 'SODIUM ION'
5 water water
#
_entity_poly.entity_id   1
_entity_poly.type   'polypeptide(L)'
_entity_poly.pdbx_seq_one_letter_code
;MATGTRYAGKVVVVTGGGRGIGAGIVRAFVNSGARVVICDKDESGGRALEQELPGAVFILCDVTQEDDVKTLVSETIRRF
GRLDCVVNNAGHHPPPQRPEETSAQGFRQLLELNLLGTYTLTKLALPYLRKSQGNVINISSLVGAIGQAQAVPYVATKGA
VTAMTKALALDESPYGVRVNCISPGNIWTPLWEELAALMPDPRATIREGMLAQPLGRMGQPAEVGAAAVFLASEANFCTG
IELLVTGGAELGYGCKASRSTPVDAPDIPS
;
_entity_poly.pdbx_strand_id   A
#
loop_
_chem_comp.id
_chem_comp.type
_chem_comp.name
_chem_comp.formula
5Q6 non-polymer [2,3-bis(oxidanyl)phenyl]-[6-(2-fluoranyl-3-oxidanyl-phenyl)pyridin-2-yl]methanone 'C18 H12 F N O4'
NA non-polymer 'SODIUM ION' 'Na 1'
NAD non-polymer NICOTINAMIDE-ADENINE-DINUCLEOTIDE 'C21 H27 N7 O14 P2'
#
# COMPACT_ATOMS: atom_id res chain seq x y z
N GLY A 4 -13.52 -17.38 3.05
CA GLY A 4 -12.46 -17.86 3.93
C GLY A 4 -11.40 -18.68 3.21
N THR A 5 -11.60 -18.93 1.91
CA THR A 5 -10.68 -19.76 1.16
C THR A 5 -10.27 -19.15 -0.18
N ARG A 6 -10.65 -17.91 -0.49
N ARG A 6 -10.65 -17.90 -0.45
CA ARG A 6 -10.35 -17.42 -1.83
CA ARG A 6 -10.36 -17.28 -1.74
C ARG A 6 -8.86 -17.14 -2.05
C ARG A 6 -8.87 -17.23 -2.03
N TYR A 7 -8.04 -17.11 -1.00
CA TYR A 7 -6.59 -17.01 -1.17
C TYR A 7 -5.91 -17.95 -0.19
N ALA A 8 -6.53 -19.10 0.03
CA ALA A 8 -6.01 -20.08 0.97
C ALA A 8 -4.69 -20.64 0.49
N GLY A 9 -3.77 -20.79 1.43
CA GLY A 9 -2.48 -21.41 1.17
C GLY A 9 -1.44 -20.48 0.59
N LYS A 10 -1.79 -19.22 0.36
CA LYS A 10 -0.90 -18.25 -0.24
C LYS A 10 -0.24 -17.40 0.83
N VAL A 11 0.89 -16.81 0.48
CA VAL A 11 1.69 -16.02 1.40
C VAL A 11 1.80 -14.60 0.88
N VAL A 12 1.47 -13.64 1.73
CA VAL A 12 1.38 -12.22 1.39
C VAL A 12 2.27 -11.44 2.32
N VAL A 13 3.03 -10.49 1.77
CA VAL A 13 3.78 -9.50 2.56
C VAL A 13 3.11 -8.15 2.39
N VAL A 14 2.79 -7.48 3.51
CA VAL A 14 2.19 -6.16 3.48
C VAL A 14 3.14 -5.21 4.19
N THR A 15 3.66 -4.21 3.48
CA THR A 15 4.50 -3.22 4.13
C THR A 15 3.64 -2.12 4.72
N GLY A 16 4.14 -1.53 5.80
CA GLY A 16 3.32 -0.59 6.56
C GLY A 16 2.06 -1.21 7.09
N GLY A 17 2.12 -2.48 7.48
CA GLY A 17 0.93 -3.21 7.87
C GLY A 17 0.47 -3.03 9.29
N GLY A 18 1.14 -2.19 10.08
CA GLY A 18 0.82 -2.10 11.50
C GLY A 18 -0.37 -1.25 11.86
N ARG A 19 -0.80 -0.35 10.98
CA ARG A 19 -1.97 0.49 11.25
C ARG A 19 -2.55 0.95 9.93
N GLY A 20 -3.70 1.61 10.02
CA GLY A 20 -4.22 2.30 8.84
C GLY A 20 -4.64 1.36 7.73
N ILE A 21 -4.42 1.82 6.50
CA ILE A 21 -4.78 1.00 5.33
C ILE A 21 -4.06 -0.34 5.37
N GLY A 22 -2.78 -0.32 5.71
CA GLY A 22 -2.01 -1.56 5.74
C GLY A 22 -2.62 -2.60 6.66
N ALA A 23 -3.05 -2.18 7.85
CA ALA A 23 -3.69 -3.13 8.76
C ALA A 23 -5.01 -3.63 8.20
N GLY A 24 -5.74 -2.78 7.49
CA GLY A 24 -6.96 -3.24 6.81
C GLY A 24 -6.68 -4.29 5.77
N ILE A 25 -5.58 -4.13 5.03
CA ILE A 25 -5.19 -5.10 4.03
C ILE A 25 -4.76 -6.41 4.69
N VAL A 26 -3.98 -6.32 5.77
CA VAL A 26 -3.60 -7.52 6.52
C VAL A 26 -4.85 -8.30 6.92
N ARG A 27 -5.81 -7.61 7.53
CA ARG A 27 -7.00 -8.29 8.02
C ARG A 27 -7.76 -8.94 6.88
N ALA A 28 -7.88 -8.24 5.75
CA ALA A 28 -8.62 -8.79 4.61
C ALA A 28 -7.96 -10.06 4.09
N PHE A 29 -6.64 -10.08 4.00
CA PHE A 29 -5.98 -11.28 3.51
C PHE A 29 -6.06 -12.44 4.51
N VAL A 30 -5.94 -12.16 5.81
CA VAL A 30 -6.09 -13.24 6.80
C VAL A 30 -7.48 -13.84 6.67
N ASN A 31 -8.49 -12.99 6.49
CA ASN A 31 -9.86 -13.47 6.40
C ASN A 31 -10.09 -14.28 5.13
N SER A 32 -9.23 -14.13 4.13
N SER A 32 -9.23 -14.11 4.13
CA SER A 32 -9.34 -14.89 2.90
CA SER A 32 -9.31 -14.85 2.88
C SER A 32 -8.45 -16.14 2.90
C SER A 32 -8.53 -16.18 2.93
N GLY A 33 -7.86 -16.47 4.04
CA GLY A 33 -7.15 -17.73 4.19
C GLY A 33 -5.66 -17.66 3.99
N ALA A 34 -5.12 -16.48 3.73
CA ALA A 34 -3.70 -16.34 3.47
C ALA A 34 -2.92 -16.27 4.77
N ARG A 35 -1.63 -16.60 4.65
CA ARG A 35 -0.66 -16.29 5.69
C ARG A 35 -0.01 -14.95 5.35
N VAL A 36 0.09 -14.07 6.33
CA VAL A 36 0.46 -12.69 6.08
C VAL A 36 1.67 -12.32 6.92
N VAL A 37 2.66 -11.74 6.28
CA VAL A 37 3.80 -11.13 6.95
C VAL A 37 3.52 -9.64 7.05
N ILE A 38 3.44 -9.14 8.26
CA ILE A 38 3.28 -7.72 8.53
C ILE A 38 4.67 -7.13 8.63
N CYS A 39 4.98 -6.20 7.74
CA CYS A 39 6.23 -5.47 7.75
C CYS A 39 5.95 -4.05 8.21
N ASP A 40 6.67 -3.58 9.24
CA ASP A 40 6.53 -2.21 9.66
C ASP A 40 7.80 -1.80 10.40
N LYS A 41 8.07 -0.50 10.41
CA LYS A 41 9.21 0.03 11.16
C LYS A 41 8.87 0.29 12.61
N ASP A 42 7.59 0.28 12.95
CA ASP A 42 7.08 0.56 14.29
C ASP A 42 6.52 -0.74 14.85
N GLU A 43 6.95 -1.10 16.06
CA GLU A 43 6.54 -2.38 16.62
C GLU A 43 5.14 -2.36 17.22
N SER A 44 4.65 -1.19 17.63
CA SER A 44 3.49 -1.16 18.52
C SER A 44 2.28 -1.79 17.85
N GLY A 45 1.92 -1.34 16.65
CA GLY A 45 0.73 -1.84 16.02
C GLY A 45 0.92 -3.24 15.48
N GLY A 46 2.06 -3.50 14.85
CA GLY A 46 2.30 -4.78 14.21
C GLY A 46 2.39 -5.93 15.19
N ARG A 47 2.99 -5.70 16.36
CA ARG A 47 3.07 -6.78 17.35
C ARG A 47 1.70 -7.14 17.88
N ALA A 48 0.86 -6.13 18.10
CA ALA A 48 -0.50 -6.41 18.57
C ALA A 48 -1.29 -7.18 17.53
N LEU A 49 -1.12 -6.83 16.24
CA LEU A 49 -1.85 -7.51 15.19
C LEU A 49 -1.42 -8.96 15.08
N GLU A 50 -0.13 -9.23 15.25
CA GLU A 50 0.35 -10.60 15.24
C GLU A 50 -0.28 -11.42 16.37
N GLN A 51 -0.49 -10.81 17.53
CA GLN A 51 -1.12 -11.56 18.62
C GLN A 51 -2.58 -11.77 18.36
N GLU A 52 -3.21 -10.81 17.70
CA GLU A 52 -4.65 -10.86 17.47
C GLU A 52 -5.00 -11.88 16.39
N LEU A 53 -4.20 -11.98 15.33
CA LEU A 53 -4.56 -12.72 14.13
C LEU A 53 -3.74 -14.00 13.98
N PRO A 54 -4.26 -15.21 14.01
N PRO A 54 -4.35 -15.13 14.24
CA PRO A 54 -3.35 -16.39 14.11
CA PRO A 54 -4.00 -16.38 13.56
C PRO A 54 -2.17 -16.48 13.12
C PRO A 54 -3.69 -16.18 12.10
N GLY A 55 -2.49 -16.51 11.81
CA GLY A 55 -1.97 -16.54 10.46
C GLY A 55 -1.19 -15.30 10.04
N ALA A 56 -1.05 -14.31 10.93
CA ALA A 56 -0.21 -13.16 10.66
C ALA A 56 1.00 -13.16 11.57
N VAL A 57 2.16 -12.78 11.02
CA VAL A 57 3.39 -12.65 11.80
C VAL A 57 4.01 -11.30 11.50
N PHE A 58 4.70 -10.76 12.50
CA PHE A 58 5.30 -9.44 12.39
C PHE A 58 6.81 -9.56 12.22
N ILE A 59 7.34 -8.85 11.22
CA ILE A 59 8.78 -8.71 11.02
C ILE A 59 9.11 -7.23 10.99
N LEU A 60 9.97 -6.80 11.90
CA LEU A 60 10.42 -5.42 11.94
C LEU A 60 11.31 -5.15 10.73
N CYS A 61 10.96 -4.11 9.96
CA CYS A 61 11.65 -3.84 8.70
C CYS A 61 11.35 -2.42 8.30
N ASP A 62 12.39 -1.61 8.12
CA ASP A 62 12.30 -0.29 7.53
C ASP A 62 12.57 -0.44 6.04
N VAL A 63 11.55 -0.19 5.21
CA VAL A 63 11.69 -0.46 3.78
C VAL A 63 12.67 0.45 3.08
N THR A 64 13.16 1.51 3.74
CA THR A 64 14.18 2.34 3.15
C THR A 64 15.58 1.80 3.37
N GLN A 65 15.72 0.74 4.14
CA GLN A 65 17.03 0.15 4.43
C GLN A 65 17.15 -1.15 3.65
N GLU A 66 18.04 -1.17 2.65
CA GLU A 66 18.13 -2.32 1.75
C GLU A 66 18.38 -3.62 2.52
N ASP A 67 19.21 -3.59 3.56
CA ASP A 67 19.50 -4.81 4.31
C ASP A 67 18.29 -5.31 5.08
N ASP A 68 17.45 -4.40 5.59
CA ASP A 68 16.21 -4.82 6.24
C ASP A 68 15.31 -5.56 5.25
N VAL A 69 15.24 -5.07 4.01
CA VAL A 69 14.36 -5.69 3.03
C VAL A 69 14.89 -7.05 2.59
N LYS A 70 16.21 -7.18 2.43
CA LYS A 70 16.78 -8.48 2.09
C LYS A 70 16.42 -9.51 3.16
N THR A 71 16.51 -9.12 4.43
CA THR A 71 16.16 -10.00 5.53
C THR A 71 14.68 -10.35 5.51
N LEU A 72 13.84 -9.35 5.24
CA LEU A 72 12.40 -9.60 5.18
C LEU A 72 12.08 -10.69 4.18
N VAL A 73 12.65 -10.60 2.98
CA VAL A 73 12.34 -11.58 1.96
C VAL A 73 12.88 -12.95 2.35
N SER A 74 14.14 -13.00 2.82
N SER A 74 14.12 -13.00 2.83
N SER A 74 14.14 -12.99 2.78
CA SER A 74 14.71 -14.30 3.16
CA SER A 74 14.72 -14.30 3.17
CA SER A 74 14.75 -14.25 3.20
C SER A 74 13.96 -14.95 4.32
C SER A 74 13.98 -14.95 4.33
C SER A 74 13.93 -14.93 4.29
N GLU A 75 13.55 -14.16 5.31
CA GLU A 75 12.78 -14.73 6.42
C GLU A 75 11.41 -15.22 5.99
N THR A 76 10.76 -14.51 5.06
CA THR A 76 9.45 -14.95 4.59
C THR A 76 9.56 -16.32 3.92
N ILE A 77 10.57 -16.50 3.08
CA ILE A 77 10.77 -17.79 2.41
C ILE A 77 11.16 -18.87 3.41
N ARG A 78 12.02 -18.53 4.36
CA ARG A 78 12.45 -19.53 5.34
C ARG A 78 11.28 -20.02 6.17
N ARG A 79 10.36 -19.11 6.53
CA ARG A 79 9.27 -19.47 7.43
C ARG A 79 8.11 -20.12 6.70
N PHE A 80 7.82 -19.72 5.48
CA PHE A 80 6.58 -20.14 4.83
C PHE A 80 6.77 -20.88 3.52
N GLY A 81 7.97 -20.87 2.94
CA GLY A 81 8.27 -21.71 1.81
C GLY A 81 7.87 -21.18 0.45
N ARG A 82 7.23 -20.01 0.39
CA ARG A 82 6.76 -19.46 -0.88
C ARG A 82 6.39 -18.01 -0.64
N LEU A 83 6.21 -17.27 -1.73
CA LEU A 83 5.76 -15.88 -1.70
C LEU A 83 4.86 -15.66 -2.89
N ASP A 84 3.62 -15.23 -2.63
CA ASP A 84 2.61 -15.07 -3.67
C ASP A 84 2.22 -13.64 -3.97
N CYS A 85 2.32 -12.75 -3.01
CA CYS A 85 1.81 -11.40 -3.21
C CYS A 85 2.58 -10.44 -2.33
N VAL A 86 3.01 -9.33 -2.92
CA VAL A 86 3.63 -8.24 -2.19
C VAL A 86 2.72 -7.04 -2.31
N VAL A 87 2.36 -6.43 -1.18
CA VAL A 87 1.56 -5.22 -1.14
C VAL A 87 2.46 -4.11 -0.61
N ASN A 88 2.80 -3.18 -1.48
CA ASN A 88 3.66 -2.04 -1.15
C ASN A 88 2.77 -0.90 -0.69
N ASN A 89 2.52 -0.83 0.60
CA ASN A 89 1.64 0.15 1.20
C ASN A 89 2.38 1.21 2.01
N ALA A 90 3.54 0.91 2.57
CA ALA A 90 4.25 1.88 3.39
C ALA A 90 4.46 3.18 2.63
N GLY A 91 4.18 4.30 3.28
CA GLY A 91 4.35 5.59 2.67
C GLY A 91 3.94 6.64 3.67
N HIS A 92 4.21 7.89 3.31
CA HIS A 92 3.93 9.00 4.20
C HIS A 92 3.48 10.20 3.40
N HIS A 93 2.57 10.98 4.00
CA HIS A 93 2.17 12.28 3.46
C HIS A 93 2.66 13.36 4.42
N PRO A 94 3.60 14.20 4.02
CA PRO A 94 4.04 15.31 4.88
C PRO A 94 2.93 16.33 5.09
N PRO A 95 3.09 17.21 6.05
CA PRO A 95 2.13 18.31 6.22
C PRO A 95 2.09 19.19 4.98
N PRO A 96 1.03 19.98 4.82
CA PRO A 96 0.97 20.89 3.67
C PRO A 96 2.16 21.82 3.63
N GLN A 97 2.70 21.99 2.42
CA GLN A 97 3.87 22.83 2.18
C GLN A 97 3.71 23.51 0.83
N ARG A 98 3.81 24.84 0.80
CA ARG A 98 3.90 25.58 -0.44
C ARG A 98 5.20 25.22 -1.15
N PRO A 99 5.28 25.40 -2.47
CA PRO A 99 6.50 25.00 -3.18
C PRO A 99 7.75 25.63 -2.59
N GLU A 100 7.69 26.91 -2.24
CA GLU A 100 8.87 27.60 -1.72
C GLU A 100 9.27 27.09 -0.34
N GLU A 101 8.39 26.36 0.34
CA GLU A 101 8.67 25.79 1.66
C GLU A 101 9.27 24.39 1.58
N THR A 102 9.20 23.75 0.43
CA THR A 102 9.78 22.42 0.27
C THR A 102 11.28 22.52 0.07
N SER A 103 11.97 21.40 0.28
CA SER A 103 13.40 21.33 0.06
C SER A 103 13.73 20.11 -0.77
N ALA A 104 14.82 20.21 -1.54
CA ALA A 104 15.30 19.05 -2.28
C ALA A 104 15.61 17.91 -1.31
N GLN A 105 16.14 18.23 -0.13
CA GLN A 105 16.47 17.20 0.84
C GLN A 105 15.21 16.44 1.27
N GLY A 106 14.15 17.18 1.59
CA GLY A 106 12.92 16.54 2.01
C GLY A 106 12.28 15.74 0.88
N PHE A 107 12.41 16.25 -0.34
CA PHE A 107 11.91 15.54 -1.51
C PHE A 107 12.65 14.22 -1.69
N ARG A 108 13.97 14.24 -1.56
CA ARG A 108 14.74 12.99 -1.67
C ARG A 108 14.32 12.00 -0.60
N GLN A 109 14.12 12.46 0.64
CA GLN A 109 13.75 11.55 1.70
C GLN A 109 12.40 10.93 1.42
N LEU A 110 11.46 11.71 0.88
CA LEU A 110 10.15 11.15 0.58
C LEU A 110 10.22 10.17 -0.58
N LEU A 111 11.06 10.46 -1.58
CA LEU A 111 11.26 9.50 -2.67
C LEU A 111 11.81 8.18 -2.14
N GLU A 112 12.71 8.24 -1.17
CA GLU A 112 13.27 7.01 -0.62
C GLU A 112 12.19 6.12 -0.05
N LEU A 113 11.25 6.69 0.67
CA LEU A 113 10.18 5.89 1.26
C LEU A 113 9.10 5.52 0.24
N ASN A 114 8.50 6.54 -0.39
CA ASN A 114 7.28 6.29 -1.14
C ASN A 114 7.55 5.60 -2.47
N LEU A 115 8.73 5.78 -3.04
CA LEU A 115 9.04 5.21 -4.34
C LEU A 115 10.12 4.14 -4.25
N LEU A 116 11.30 4.47 -3.71
CA LEU A 116 12.38 3.50 -3.77
C LEU A 116 12.17 2.32 -2.84
N GLY A 117 11.47 2.50 -1.72
CA GLY A 117 11.14 1.35 -0.87
C GLY A 117 10.27 0.35 -1.60
N THR A 118 9.30 0.85 -2.36
CA THR A 118 8.45 -0.01 -3.18
C THR A 118 9.29 -0.71 -4.25
N TYR A 119 10.18 0.02 -4.91
CA TYR A 119 11.05 -0.57 -5.91
C TYR A 119 11.92 -1.69 -5.34
N THR A 120 12.57 -1.44 -4.20
CA THR A 120 13.55 -2.40 -3.69
C THR A 120 12.89 -3.71 -3.30
N LEU A 121 11.79 -3.64 -2.54
CA LEU A 121 11.13 -4.88 -2.15
C LEU A 121 10.63 -5.63 -3.37
N THR A 122 10.04 -4.91 -4.33
CA THR A 122 9.54 -5.57 -5.53
C THR A 122 10.67 -6.30 -6.23
N LYS A 123 11.79 -5.62 -6.43
CA LYS A 123 12.91 -6.22 -7.16
C LYS A 123 13.42 -7.48 -6.45
N LEU A 124 13.54 -7.43 -5.14
CA LEU A 124 14.06 -8.58 -4.41
C LEU A 124 13.07 -9.73 -4.35
N ALA A 125 11.78 -9.43 -4.45
CA ALA A 125 10.76 -10.47 -4.39
C ALA A 125 10.50 -11.12 -5.73
N LEU A 126 10.87 -10.46 -6.84
CA LEU A 126 10.45 -10.96 -8.15
C LEU A 126 10.88 -12.39 -8.43
N PRO A 127 12.08 -12.85 -8.06
CA PRO A 127 12.41 -14.26 -8.37
C PRO A 127 11.43 -15.23 -7.76
N TYR A 128 10.93 -14.92 -6.57
CA TYR A 128 9.98 -15.82 -5.91
C TYR A 128 8.58 -15.67 -6.48
N LEU A 129 8.19 -14.44 -6.84
CA LEU A 129 6.89 -14.24 -7.47
C LEU A 129 6.84 -14.90 -8.84
N ARG A 130 7.95 -14.91 -9.57
CA ARG A 130 7.94 -15.57 -10.86
C ARG A 130 7.72 -17.08 -10.70
N LYS A 131 8.26 -17.67 -9.62
CA LYS A 131 8.08 -19.10 -9.40
C LYS A 131 6.64 -19.45 -9.05
N SER A 132 5.95 -18.57 -8.33
CA SER A 132 4.58 -18.82 -7.89
C SER A 132 3.53 -18.23 -8.82
N GLN A 133 3.93 -17.55 -9.89
CA GLN A 133 3.03 -16.75 -10.72
C GLN A 133 2.18 -15.84 -9.83
N GLY A 134 2.88 -15.14 -8.95
CA GLY A 134 2.29 -14.25 -7.99
C GLY A 134 2.05 -12.86 -8.55
N ASN A 135 1.82 -11.90 -7.66
CA ASN A 135 1.45 -10.58 -8.11
C ASN A 135 1.89 -9.52 -7.11
N VAL A 136 1.98 -8.30 -7.61
CA VAL A 136 2.38 -7.13 -6.85
C VAL A 136 1.21 -6.16 -6.84
N ILE A 137 0.94 -5.57 -5.69
CA ILE A 137 -0.07 -4.54 -5.53
C ILE A 137 0.60 -3.32 -4.90
N ASN A 138 0.62 -2.22 -5.62
CA ASN A 138 1.16 -0.97 -5.10
C ASN A 138 0.03 -0.07 -4.63
N ILE A 139 0.20 0.58 -3.49
CA ILE A 139 -0.76 1.56 -3.00
C ILE A 139 -0.27 2.94 -3.39
N SER A 140 -0.93 3.54 -4.35
CA SER A 140 -0.58 4.87 -4.84
C SER A 140 -1.53 5.89 -4.20
N SER A 141 -2.12 6.80 -4.96
CA SER A 141 -3.03 7.80 -4.44
C SER A 141 -3.74 8.43 -5.61
N LEU A 142 -5.01 8.77 -5.40
CA LEU A 142 -5.73 9.57 -6.37
C LEU A 142 -4.98 10.85 -6.74
N VAL A 143 -4.27 11.45 -5.79
CA VAL A 143 -3.68 12.74 -6.12
C VAL A 143 -2.51 12.61 -7.06
N GLY A 144 -1.97 11.39 -7.27
CA GLY A 144 -1.00 11.22 -8.33
C GLY A 144 -1.58 11.42 -9.70
N ALA A 145 -2.90 11.24 -9.83
CA ALA A 145 -3.58 11.38 -11.11
C ALA A 145 -4.12 12.77 -11.33
N ILE A 146 -4.63 13.42 -10.28
CA ILE A 146 -5.36 14.68 -10.43
C ILE A 146 -4.69 15.84 -9.72
N GLY A 147 -3.61 15.61 -8.97
CA GLY A 147 -2.95 16.67 -8.25
C GLY A 147 -3.60 16.96 -6.90
N GLN A 148 -2.85 17.70 -6.08
CA GLN A 148 -3.28 18.17 -4.78
C GLN A 148 -2.50 19.44 -4.52
N ALA A 149 -3.13 20.39 -3.83
CA ALA A 149 -2.40 21.59 -3.45
C ALA A 149 -1.49 21.34 -2.25
N GLN A 150 -0.41 22.10 -2.20
CA GLN A 150 0.54 22.13 -1.09
C GLN A 150 1.13 20.75 -0.83
N ALA A 151 1.45 20.04 -1.91
CA ALA A 151 1.94 18.68 -1.80
C ALA A 151 2.78 18.27 -2.99
N VAL A 152 3.61 19.16 -3.51
CA VAL A 152 4.39 18.82 -4.70
C VAL A 152 5.19 17.54 -4.53
N PRO A 153 5.98 17.36 -3.46
CA PRO A 153 6.77 16.12 -3.37
C PRO A 153 5.89 14.87 -3.27
N TYR A 154 4.85 14.90 -2.44
CA TYR A 154 3.99 13.73 -2.30
C TYR A 154 3.36 13.34 -3.62
N VAL A 155 2.78 14.33 -4.31
CA VAL A 155 2.12 14.06 -5.59
C VAL A 155 3.09 13.45 -6.57
N ALA A 156 4.31 14.01 -6.65
CA ALA A 156 5.31 13.46 -7.55
C ALA A 156 5.61 12.01 -7.23
N THR A 157 5.75 11.66 -5.94
CA THR A 157 6.08 10.28 -5.61
C THR A 157 4.97 9.34 -6.02
N LYS A 158 3.71 9.77 -5.91
CA LYS A 158 2.63 8.86 -6.24
C LYS A 158 2.40 8.76 -7.74
N GLY A 159 2.63 9.84 -8.49
CA GLY A 159 2.66 9.73 -9.94
C GLY A 159 3.71 8.75 -10.40
N ALA A 160 4.86 8.74 -9.72
CA ALA A 160 5.91 7.78 -10.06
C ALA A 160 5.48 6.35 -9.79
N VAL A 161 4.83 6.10 -8.65
CA VAL A 161 4.41 4.74 -8.32
C VAL A 161 3.41 4.21 -9.34
N THR A 162 2.44 5.03 -9.71
CA THR A 162 1.44 4.58 -10.67
C THR A 162 2.08 4.26 -12.01
N ALA A 163 2.99 5.11 -12.48
CA ALA A 163 3.66 4.86 -13.75
C ALA A 163 4.56 3.63 -13.67
N MET A 164 5.31 3.50 -12.58
CA MET A 164 6.19 2.34 -12.42
C MET A 164 5.41 1.04 -12.42
N THR A 165 4.18 1.06 -11.90
CA THR A 165 3.32 -0.10 -11.94
C THR A 165 3.12 -0.58 -13.38
N LYS A 166 2.86 0.35 -14.29
CA LYS A 166 2.61 0.00 -15.68
C LYS A 166 3.86 -0.55 -16.35
N ALA A 167 5.03 0.05 -16.05
CA ALA A 167 6.28 -0.43 -16.60
C ALA A 167 6.58 -1.85 -16.13
N LEU A 168 6.43 -2.09 -14.83
CA LEU A 168 6.69 -3.42 -14.28
C LEU A 168 5.71 -4.44 -14.85
N ALA A 169 4.45 -4.06 -15.04
CA ALA A 169 3.48 -4.98 -15.63
C ALA A 169 3.95 -5.45 -17.00
N LEU A 170 4.48 -4.54 -17.82
CA LEU A 170 5.00 -4.94 -19.12
C LEU A 170 6.18 -5.89 -18.97
N ASP A 171 7.11 -5.57 -18.07
CA ASP A 171 8.31 -6.39 -17.94
C ASP A 171 8.00 -7.79 -17.44
N GLU A 172 7.03 -7.94 -16.53
CA GLU A 172 6.80 -9.20 -15.85
C GLU A 172 5.70 -10.03 -16.49
N SER A 173 4.99 -9.47 -17.47
CA SER A 173 3.93 -10.23 -18.13
C SER A 173 4.41 -11.55 -18.74
N PRO A 174 5.63 -11.69 -19.29
CA PRO A 174 6.03 -12.99 -19.84
C PRO A 174 6.09 -14.08 -18.81
N TYR A 175 6.24 -13.73 -17.54
CA TYR A 175 6.28 -14.70 -16.47
C TYR A 175 4.92 -14.96 -15.86
N GLY A 176 3.89 -14.25 -16.30
CA GLY A 176 2.59 -14.40 -15.70
C GLY A 176 2.42 -13.68 -14.38
N VAL A 177 3.36 -12.80 -14.03
CA VAL A 177 3.29 -12.02 -12.81
C VAL A 177 2.54 -10.73 -13.12
N ARG A 178 1.47 -10.48 -12.38
CA ARG A 178 0.67 -9.29 -12.57
C ARG A 178 1.11 -8.21 -11.59
N VAL A 179 1.04 -6.96 -12.04
CA VAL A 179 1.45 -5.82 -11.23
C VAL A 179 0.38 -4.75 -11.38
N ASN A 180 -0.29 -4.41 -10.28
CA ASN A 180 -1.42 -3.49 -10.31
C ASN A 180 -1.28 -2.48 -9.18
N CYS A 181 -2.01 -1.38 -9.27
N CYS A 181 -2.14 -1.46 -9.24
CA CYS A 181 -2.02 -0.45 -8.16
CA CYS A 181 -2.10 -0.31 -8.36
C CYS A 181 -3.44 -0.05 -7.80
C CYS A 181 -3.50 -0.06 -7.82
N ILE A 182 -3.59 0.29 -6.53
CA ILE A 182 -4.81 0.85 -5.97
C ILE A 182 -4.50 2.30 -5.65
N SER A 183 -5.36 3.19 -6.10
CA SER A 183 -5.23 4.62 -5.81
C SER A 183 -6.38 5.06 -4.93
N PRO A 184 -6.20 5.07 -3.62
CA PRO A 184 -7.27 5.53 -2.75
C PRO A 184 -7.41 7.03 -2.76
N GLY A 185 -8.61 7.47 -2.45
CA GLY A 185 -8.89 8.85 -2.11
C GLY A 185 -8.82 9.02 -0.61
N ASN A 186 -9.75 9.77 -0.03
CA ASN A 186 -9.74 10.00 1.42
C ASN A 186 -10.16 8.75 2.15
N ILE A 187 -9.24 8.15 2.91
CA ILE A 187 -9.50 6.99 3.75
C ILE A 187 -9.20 7.39 5.19
N TRP A 188 -10.12 7.13 6.09
CA TRP A 188 -9.92 7.50 7.49
C TRP A 188 -8.91 6.56 8.14
N THR A 189 -7.74 7.12 8.49
CA THR A 189 -6.61 6.40 9.06
C THR A 189 -5.95 7.30 10.08
N PRO A 190 -5.02 6.76 10.88
CA PRO A 190 -4.28 7.62 11.80
C PRO A 190 -3.50 8.73 11.10
N LEU A 191 -3.02 8.51 9.87
CA LEU A 191 -2.35 9.58 9.14
C LEU A 191 -3.31 10.73 8.85
N TRP A 192 -4.52 10.41 8.37
CA TRP A 192 -5.51 11.46 8.12
C TRP A 192 -5.78 12.25 9.40
N GLU A 193 -5.91 11.54 10.52
CA GLU A 193 -6.17 12.19 11.80
C GLU A 193 -5.01 13.08 12.23
N GLU A 194 -3.77 12.61 12.03
CA GLU A 194 -2.60 13.39 12.42
C GLU A 194 -2.46 14.65 11.58
N LEU A 195 -2.74 14.56 10.27
CA LEU A 195 -2.66 15.74 9.42
C LEU A 195 -3.77 16.74 9.74
N ALA A 196 -4.98 16.24 10.00
CA ALA A 196 -6.07 17.14 10.38
C ALA A 196 -5.74 17.89 11.66
N ALA A 197 -5.07 17.22 12.60
CA ALA A 197 -4.76 17.83 13.89
C ALA A 197 -3.83 19.04 13.73
N LEU A 198 -3.08 19.10 12.64
CA LEU A 198 -2.19 20.22 12.37
C LEU A 198 -2.91 21.43 11.81
N MET A 199 -4.13 21.27 11.34
CA MET A 199 -4.85 22.34 10.68
C MET A 199 -5.42 23.32 11.71
N PRO A 200 -5.61 24.58 11.31
CA PRO A 200 -6.19 25.56 12.25
C PRO A 200 -7.49 25.09 12.88
N ASP A 201 -8.38 24.47 12.09
CA ASP A 201 -9.63 23.91 12.60
C ASP A 201 -9.69 22.47 12.14
N PRO A 202 -9.24 21.52 12.96
CA PRO A 202 -9.29 20.11 12.54
C PRO A 202 -10.69 19.63 12.20
N ARG A 203 -11.70 20.05 12.98
CA ARG A 203 -13.07 19.59 12.73
C ARG A 203 -13.53 20.01 11.33
N ALA A 204 -13.22 21.25 10.95
CA ALA A 204 -13.58 21.72 9.61
C ALA A 204 -12.85 20.93 8.53
N THR A 205 -11.58 20.62 8.76
CA THR A 205 -10.80 19.85 7.78
C THR A 205 -11.41 18.48 7.58
N ILE A 206 -11.84 17.83 8.67
CA ILE A 206 -12.43 16.51 8.56
C ILE A 206 -13.77 16.58 7.84
N ARG A 207 -14.60 17.56 8.19
CA ARG A 207 -15.87 17.74 7.49
C ARG A 207 -15.64 17.97 6.00
N GLU A 208 -14.69 18.83 5.65
CA GLU A 208 -14.37 19.04 4.24
C GLU A 208 -13.92 17.74 3.59
N GLY A 209 -13.17 16.92 4.32
CA GLY A 209 -12.70 15.65 3.77
C GLY A 209 -13.81 14.66 3.50
N MET A 210 -14.84 14.66 4.34
CA MET A 210 -15.99 13.78 4.12
C MET A 210 -16.81 14.24 2.92
N LEU A 211 -16.96 15.55 2.76
CA LEU A 211 -17.81 16.09 1.70
C LEU A 211 -17.10 16.17 0.36
N ALA A 212 -15.82 15.85 0.29
CA ALA A 212 -15.10 15.85 -0.97
C ALA A 212 -15.52 14.71 -1.88
N GLN A 213 -16.25 13.74 -1.37
CA GLN A 213 -16.72 12.57 -2.11
C GLN A 213 -18.21 12.68 -2.34
N PRO A 214 -18.70 12.39 -3.54
CA PRO A 214 -20.15 12.28 -3.73
C PRO A 214 -20.83 11.33 -2.77
N LEU A 215 -20.16 10.26 -2.35
CA LEU A 215 -20.79 9.35 -1.41
C LEU A 215 -20.91 9.93 0.00
N GLY A 216 -20.27 11.06 0.27
CA GLY A 216 -20.51 11.80 1.51
C GLY A 216 -19.85 11.24 2.75
N ARG A 217 -18.91 10.33 2.60
CA ARG A 217 -18.12 9.82 3.71
C ARG A 217 -16.71 9.57 3.20
N MET A 218 -15.79 9.37 4.13
CA MET A 218 -14.48 8.83 3.79
C MET A 218 -14.54 7.32 3.68
N GLY A 219 -13.54 6.76 3.04
CA GLY A 219 -13.44 5.32 2.92
C GLY A 219 -12.83 4.70 4.14
N GLN A 220 -12.98 3.39 4.24
CA GLN A 220 -12.44 2.63 5.34
C GLN A 220 -11.27 1.76 4.88
N PRO A 221 -10.32 1.50 5.77
CA PRO A 221 -9.25 0.55 5.42
C PRO A 221 -9.77 -0.79 4.92
N ALA A 222 -10.87 -1.30 5.49
CA ALA A 222 -11.41 -2.58 5.03
C ALA A 222 -11.80 -2.54 3.57
N GLU A 223 -12.22 -1.38 3.07
CA GLU A 223 -12.61 -1.27 1.67
C GLU A 223 -11.40 -1.34 0.75
N VAL A 224 -10.28 -0.73 1.15
CA VAL A 224 -9.06 -0.92 0.38
C VAL A 224 -8.61 -2.36 0.47
N GLY A 225 -8.76 -2.97 1.64
CA GLY A 225 -8.39 -4.36 1.79
C GLY A 225 -9.14 -5.29 0.86
N ALA A 226 -10.45 -5.08 0.73
CA ALA A 226 -11.24 -5.92 -0.17
C ALA A 226 -10.78 -5.76 -1.61
N ALA A 227 -10.42 -4.55 -2.01
CA ALA A 227 -9.92 -4.33 -3.37
C ALA A 227 -8.60 -5.06 -3.58
N ALA A 228 -7.74 -5.05 -2.57
CA ALA A 228 -6.48 -5.78 -2.68
C ALA A 228 -6.69 -7.27 -2.82
N VAL A 229 -7.60 -7.85 -2.03
CA VAL A 229 -7.87 -9.28 -2.15
C VAL A 229 -8.40 -9.61 -3.53
N PHE A 230 -9.30 -8.78 -4.07
CA PHE A 230 -9.79 -8.98 -5.43
C PHE A 230 -8.64 -9.01 -6.44
N LEU A 231 -7.75 -8.01 -6.38
CA LEU A 231 -6.65 -7.95 -7.33
C LEU A 231 -5.74 -9.17 -7.23
N ALA A 232 -5.49 -9.63 -6.01
CA ALA A 232 -4.60 -10.78 -5.84
C ALA A 232 -5.25 -12.07 -6.30
N SER A 233 -6.53 -12.29 -5.97
CA SER A 233 -7.12 -13.61 -6.03
C SER A 233 -8.02 -13.86 -7.22
N GLU A 234 -8.64 -12.80 -7.77
N GLU A 234 -8.64 -12.84 -7.81
CA GLU A 234 -9.70 -12.94 -8.76
CA GLU A 234 -9.61 -13.07 -8.87
C GLU A 234 -9.54 -12.11 -10.01
C GLU A 234 -9.35 -12.29 -10.14
N ALA A 235 -8.52 -11.26 -10.10
CA ALA A 235 -8.36 -10.36 -11.23
C ALA A 235 -7.27 -10.86 -12.18
N ASN A 236 -7.45 -12.10 -12.66
CA ASN A 236 -6.38 -12.79 -13.36
C ASN A 236 -6.10 -12.25 -14.76
N PHE A 237 -6.98 -11.43 -15.31
CA PHE A 237 -6.74 -10.77 -16.59
C PHE A 237 -6.48 -9.28 -16.41
N CYS A 238 -6.19 -8.84 -15.19
CA CYS A 238 -5.85 -7.44 -14.93
C CYS A 238 -4.37 -7.34 -14.63
N THR A 239 -3.65 -6.54 -15.42
CA THR A 239 -2.30 -6.16 -15.07
C THR A 239 -2.06 -4.74 -15.54
N GLY A 240 -1.29 -4.00 -14.75
CA GLY A 240 -1.02 -2.61 -15.05
C GLY A 240 -2.17 -1.66 -14.84
N ILE A 241 -3.20 -2.06 -14.08
CA ILE A 241 -4.34 -1.17 -13.89
C ILE A 241 -4.16 -0.32 -12.65
N GLU A 242 -4.85 0.80 -12.67
CA GLU A 242 -5.02 1.69 -11.53
C GLU A 242 -6.47 1.60 -11.09
N LEU A 243 -6.71 1.00 -9.95
CA LEU A 243 -8.05 0.82 -9.39
C LEU A 243 -8.33 1.96 -8.43
N LEU A 244 -9.29 2.81 -8.78
CA LEU A 244 -9.62 3.95 -7.96
C LEU A 244 -10.58 3.56 -6.85
N VAL A 245 -10.22 3.88 -5.61
CA VAL A 245 -11.06 3.62 -4.45
C VAL A 245 -11.22 4.96 -3.75
N THR A 246 -12.15 5.78 -4.26
CA THR A 246 -12.18 7.19 -3.96
C THR A 246 -13.55 7.73 -3.61
N GLY A 247 -14.60 6.92 -3.71
CA GLY A 247 -15.92 7.44 -3.45
C GLY A 247 -16.42 8.44 -4.45
N GLY A 248 -15.82 8.50 -5.64
CA GLY A 248 -16.23 9.43 -6.67
C GLY A 248 -15.60 10.79 -6.63
N ALA A 249 -14.54 10.98 -5.84
CA ALA A 249 -13.96 12.31 -5.64
C ALA A 249 -13.47 12.94 -6.93
N GLU A 250 -13.04 12.14 -7.90
CA GLU A 250 -12.52 12.66 -9.15
C GLU A 250 -13.60 13.06 -10.14
N LEU A 251 -14.86 12.80 -9.82
CA LEU A 251 -15.97 13.10 -10.72
C LEU A 251 -16.48 14.51 -10.54
N GLY A 252 -16.91 15.08 -11.64
CA GLY A 252 -17.57 16.37 -11.62
C GLY A 252 -16.68 17.52 -11.25
N TYR A 253 -17.33 18.69 -11.19
CA TYR A 253 -16.86 19.98 -10.75
C TYR A 253 -17.03 20.13 -9.24
N GLY A 254 -16.25 21.03 -8.65
CA GLY A 254 -16.32 21.28 -7.22
C GLY A 254 -16.03 22.71 -6.86
PA NAD B . -0.51 5.50 8.19
O1A NAD B . -1.72 5.42 9.06
O2A NAD B . 0.53 6.56 8.52
O5B NAD B . 0.18 4.06 8.14
C5B NAD B . 1.42 3.90 7.46
C4B NAD B . 2.15 2.73 8.09
O4B NAD B . 3.38 2.57 7.37
C3B NAD B . 2.51 2.90 9.57
O3B NAD B . 2.25 1.74 10.36
C2B NAD B . 4.00 3.25 9.52
O2B NAD B . 4.75 2.91 10.68
C1B NAD B . 4.43 2.42 8.32
N9A NAD B . 5.67 2.88 7.71
C8A NAD B . 6.06 4.18 7.47
N7A NAD B . 7.29 4.30 7.05
C5A NAD B . 7.75 2.99 6.99
C6A NAD B . 9.00 2.44 6.66
N6A NAD B . 10.08 3.17 6.34
N1A NAD B . 9.12 1.09 6.69
C2A NAD B . 8.07 0.36 7.06
N3A NAD B . 6.85 0.78 7.44
C4A NAD B . 6.75 2.11 7.38
O3 NAD B . -0.91 5.76 6.66
PN NAD B . -2.16 5.37 5.76
O1N NAD B . -3.10 6.53 5.75
O2N NAD B . -2.66 4.04 6.15
O5D NAD B . -1.48 5.31 4.33
C5D NAD B . -0.96 4.04 3.82
C4D NAD B . -0.65 4.24 2.35
O4D NAD B . -1.84 4.70 1.66
C3D NAD B . 0.45 5.26 2.03
O3D NAD B . 1.22 4.81 0.92
C2D NAD B . -0.34 6.50 1.63
O2D NAD B . 0.41 7.33 0.75
C1D NAD B . -1.53 5.85 0.92
N1N NAD B . -2.77 6.71 0.85
C2N NAD B . -3.40 7.08 1.98
C3N NAD B . -4.54 7.84 1.91
C7N NAD B . -5.40 8.24 3.08
O7N NAD B . -6.38 8.96 2.89
N7N NAD B . -5.07 7.77 4.31
C4N NAD B . -5.03 8.21 0.66
C5N NAD B . -4.35 7.82 -0.49
C6N NAD B . -3.21 7.06 -0.37
C1 5Q6 C . -4.88 11.50 -0.84
C2 5Q6 C . -5.73 12.37 -0.17
C3 5Q6 C . -5.46 12.74 1.14
C4 5Q6 C . -4.34 12.24 1.79
C5 5Q6 C . -4.00 12.66 3.18
C6 5Q6 C . -4.50 13.97 3.74
C7 5Q6 C . -5.14 14.01 4.97
C8 5Q6 C . -5.55 15.24 5.46
C9 5Q6 C . -5.31 16.38 4.71
C10 5Q6 C . -4.67 16.26 3.49
C17 5Q6 C . -3.50 11.34 1.12
F 5Q6 C . -2.05 17.09 2.80
C16 5Q6 C . -3.09 17.78 2.28
C15 5Q6 C . -2.82 18.83 1.41
O2 5Q6 C . -1.54 19.14 1.10
C14 5Q6 C . -3.89 19.54 0.87
C13 5Q6 C . -5.19 19.21 1.21
C12 5Q6 C . -5.43 18.16 2.08
C11 5Q6 C . -4.37 17.43 2.62
N 5Q6 C . -4.26 15.06 3.00
O1 5Q6 C . -3.26 11.93 3.85
O3 5Q6 C . -2.50 10.71 1.77
C 5Q6 C . -3.76 11.00 -0.20
O 5Q6 C . -2.88 10.22 -0.86
NA NA D . -0.33 -14.33 14.62
#